data_5QIM
#
_entry.id   5QIM
#
_cell.length_a   42.010
_cell.length_b   77.800
_cell.length_c   90.270
_cell.angle_alpha   90.000
_cell.angle_beta   90.000
_cell.angle_gamma   90.000
#
_symmetry.space_group_name_H-M   'P 21 21 21'
#
loop_
_entity.id
_entity.type
_entity.pdbx_description
1 polymer 'TGF-beta receptor type-1'
2 non-polymer N-{4-[3-(5-methoxypyridin-2-yl)-1H-pyrrolo[3,2-b]pyridin-2-yl]pyridin-2-yl}acetamide
3 non-polymer GLYCEROL
4 water water
#
_entity_poly.entity_id   1
_entity_poly.type   'polypeptide(L)'
_entity_poly.pdbx_seq_one_letter_code
;GGTIARTIVLQESIGKGRFGEVWRGKWRGEEVAVKIFSSREERSWFREAEIYQTVMLRHENILGFIAADNKDNGTWTQLW
LVSDYHEHGSLFDYLNRYTVTVEGMIKLALSTASGLAHLHMEIVGTQGKPAIAHRDLKSKNILVKKNGTCCIADLGLAVR
HDSATDTIDIAPNHRVGTKRYMAPEVLDDSINMKHFESFKRADIYAMGLVFWEIARRCSIGGIHEDYQLPYYDLVPSDPS
VEEMRKVVCEQKLRPNIPNRWQSCEALRVMAKIMRECWYANGAARLTALRIKKTLSQLSQQEGIKM
;
_entity_poly.pdbx_strand_id   A
#
# COMPACT_ATOMS: atom_id res chain seq x y z
N GLY A 1 -6.53 -11.69 33.68
CA GLY A 1 -6.13 -10.60 32.80
C GLY A 1 -6.16 -10.96 31.34
N GLY A 2 -5.75 -10.01 30.51
CA GLY A 2 -5.71 -10.15 29.06
C GLY A 2 -4.87 -11.31 28.55
N THR A 3 -5.11 -11.70 27.30
CA THR A 3 -4.47 -12.85 26.65
C THR A 3 -3.67 -12.49 25.40
N ILE A 4 -3.49 -11.19 25.15
CA ILE A 4 -2.77 -10.73 23.96
C ILE A 4 -1.44 -10.09 24.39
N ALA A 5 -1.42 -8.77 24.58
CA ALA A 5 -0.20 -8.03 24.93
C ALA A 5 0.51 -8.56 26.15
N ARG A 6 -0.25 -9.03 27.15
CA ARG A 6 0.29 -9.59 28.38
C ARG A 6 1.29 -10.72 28.11
N THR A 7 1.03 -11.54 27.06
CA THR A 7 1.78 -12.75 26.75
C THR A 7 2.77 -12.58 25.59
N ILE A 8 2.97 -11.36 25.11
CA ILE A 8 3.88 -11.11 24.00
C ILE A 8 5.18 -10.55 24.57
N VAL A 9 6.32 -11.00 24.01
CA VAL A 9 7.63 -10.51 24.42
C VAL A 9 8.26 -9.85 23.20
N LEU A 10 8.62 -8.57 23.33
CA LEU A 10 9.27 -7.83 22.26
C LEU A 10 10.73 -8.29 22.16
N GLN A 11 11.19 -8.48 20.93
CA GLN A 11 12.54 -9.00 20.66
C GLN A 11 13.46 -8.04 19.94
N GLU A 12 12.92 -7.29 18.99
CA GLU A 12 13.76 -6.46 18.12
C GLU A 12 13.01 -5.24 17.64
N SER A 13 13.68 -4.08 17.66
CA SER A 13 13.10 -2.84 17.13
C SER A 13 13.18 -2.86 15.59
N ILE A 14 12.03 -2.62 14.92
CA ILE A 14 11.89 -2.62 13.46
C ILE A 14 12.02 -1.21 12.93
N GLY A 15 11.36 -0.27 13.57
CA GLY A 15 11.46 1.13 13.18
C GLY A 15 10.25 1.94 13.60
N LYS A 16 10.18 3.19 13.16
CA LYS A 16 9.05 4.04 13.55
C LYS A 16 8.06 4.19 12.42
N GLY A 17 6.78 4.30 12.76
CA GLY A 17 5.73 4.56 11.78
C GLY A 17 5.46 6.05 11.76
N ARG A 18 4.35 6.46 11.09
CA ARG A 18 3.84 7.84 11.05
C ARG A 18 3.63 8.23 12.53
N PHE A 19 3.02 7.32 13.29
CA PHE A 19 2.88 7.34 14.74
C PHE A 19 3.10 5.87 15.12
N GLY A 20 3.70 5.65 16.26
CA GLY A 20 3.91 4.30 16.75
C GLY A 20 5.27 3.75 16.40
N GLU A 21 5.80 2.90 17.27
CA GLU A 21 7.09 2.23 17.15
C GLU A 21 6.77 0.80 16.76
N VAL A 22 7.50 0.25 15.79
CA VAL A 22 7.26 -1.10 15.31
C VAL A 22 8.33 -2.07 15.86
N TRP A 23 7.88 -3.24 16.31
CA TRP A 23 8.74 -4.30 16.87
C TRP A 23 8.42 -5.66 16.33
N ARG A 24 9.41 -6.56 16.40
CA ARG A 24 9.21 -7.99 16.18
C ARG A 24 9.08 -8.56 17.62
N GLY A 25 8.06 -9.37 17.82
CA GLY A 25 7.75 -9.96 19.12
C GLY A 25 7.36 -11.41 18.96
N LYS A 26 7.24 -12.12 20.10
CA LYS A 26 6.88 -13.53 20.11
C LYS A 26 5.60 -13.71 20.87
N TRP A 27 4.63 -14.37 20.24
CA TRP A 27 3.31 -14.64 20.83
C TRP A 27 3.01 -16.12 20.65
N ARG A 28 2.76 -16.86 21.75
CA ARG A 28 2.45 -18.30 21.70
C ARG A 28 3.49 -19.05 20.84
N GLY A 29 4.75 -18.66 20.96
CA GLY A 29 5.90 -19.26 20.26
C GLY A 29 6.12 -18.77 18.83
N GLU A 30 5.18 -17.99 18.26
CA GLU A 30 5.21 -17.47 16.88
C GLU A 30 5.71 -16.04 16.79
N GLU A 31 6.37 -15.70 15.68
CA GLU A 31 6.78 -14.31 15.48
C GLU A 31 5.57 -13.47 15.05
N VAL A 32 5.42 -12.31 15.67
CA VAL A 32 4.37 -11.32 15.35
C VAL A 32 4.98 -9.93 15.21
N ALA A 33 4.28 -9.00 14.51
CA ALA A 33 4.74 -7.62 14.43
C ALA A 33 3.85 -6.85 15.36
N VAL A 34 4.43 -5.96 16.14
CA VAL A 34 3.71 -5.17 17.12
C VAL A 34 3.98 -3.69 16.84
N LYS A 35 2.93 -2.86 16.80
CA LYS A 35 3.06 -1.41 16.68
C LYS A 35 2.54 -0.81 17.98
N ILE A 36 3.39 -0.02 18.63
CA ILE A 36 3.11 0.56 19.93
C ILE A 36 2.97 2.06 19.87
N PHE A 37 1.84 2.55 20.36
CA PHE A 37 1.53 3.98 20.42
C PHE A 37 1.46 4.44 21.86
N SER A 38 1.75 5.73 22.11
CA SER A 38 1.63 6.28 23.45
C SER A 38 0.16 6.70 23.65
N SER A 39 -0.23 7.02 24.89
CA SER A 39 -1.58 7.45 25.25
C SER A 39 -2.03 8.68 24.45
N ARG A 40 -1.09 9.62 24.15
CA ARG A 40 -1.46 10.82 23.41
C ARG A 40 -1.74 10.55 21.90
N GLU A 41 -1.42 9.33 21.42
CA GLU A 41 -1.64 8.92 20.02
C GLU A 41 -2.86 8.00 19.92
N GLU A 42 -3.73 8.00 20.94
CA GLU A 42 -4.93 7.14 20.95
C GLU A 42 -5.78 7.28 19.69
N ARG A 43 -5.97 8.50 19.17
CA ARG A 43 -6.81 8.67 17.95
C ARG A 43 -6.26 7.88 16.76
N SER A 44 -4.93 7.90 16.56
CA SER A 44 -4.28 7.19 15.45
CA SER A 44 -4.27 7.19 15.46
C SER A 44 -4.38 5.68 15.64
N TRP A 45 -4.13 5.22 16.86
CA TRP A 45 -4.21 3.81 17.22
C TRP A 45 -5.65 3.31 17.01
N PHE A 46 -6.63 4.06 17.54
CA PHE A 46 -8.03 3.61 17.47
C PHE A 46 -8.48 3.52 16.00
N ARG A 47 -8.14 4.54 15.18
CA ARG A 47 -8.56 4.56 13.77
C ARG A 47 -7.97 3.38 13.01
N GLU A 48 -6.69 3.04 13.25
CA GLU A 48 -6.07 1.90 12.58
C GLU A 48 -6.71 0.59 13.06
N ALA A 49 -7.00 0.48 14.37
CA ALA A 49 -7.69 -0.68 14.93
C ALA A 49 -9.07 -0.84 14.27
N GLU A 50 -9.78 0.27 14.11
CA GLU A 50 -11.11 0.32 13.50
C GLU A 50 -11.05 -0.18 12.03
N ILE A 51 -10.09 0.33 11.23
CA ILE A 51 -9.96 -0.12 9.83
C ILE A 51 -9.68 -1.62 9.77
N TYR A 52 -8.73 -2.11 10.56
CA TYR A 52 -8.41 -3.54 10.55
C TYR A 52 -9.52 -4.45 11.03
N GLN A 53 -10.49 -3.90 11.77
CA GLN A 53 -11.60 -4.72 12.26
C GLN A 53 -12.82 -4.68 11.35
N THR A 54 -12.67 -4.03 10.16
CA THR A 54 -13.79 -3.94 9.22
C THR A 54 -14.27 -5.36 8.87
N VAL A 55 -15.59 -5.53 8.81
CA VAL A 55 -16.18 -6.82 8.44
C VAL A 55 -15.67 -7.26 7.07
N MET A 56 -15.28 -8.57 6.94
CA MET A 56 -14.84 -9.21 5.69
C MET A 56 -13.54 -8.61 5.09
N LEU A 57 -12.75 -7.90 5.90
CA LEU A 57 -11.52 -7.32 5.36
C LEU A 57 -10.47 -8.37 5.00
N ARG A 58 -10.34 -9.44 5.81
CA ARG A 58 -9.24 -10.40 5.64
C ARG A 58 -9.11 -10.93 4.22
N HIS A 59 -7.86 -10.98 3.74
CA HIS A 59 -7.52 -11.39 2.37
C HIS A 59 -6.04 -11.71 2.34
N GLU A 60 -5.63 -12.67 1.50
CA GLU A 60 -4.21 -13.07 1.44
C GLU A 60 -3.27 -11.90 1.11
N ASN A 61 -3.78 -10.84 0.46
CA ASN A 61 -2.93 -9.72 0.09
C ASN A 61 -3.22 -8.44 0.87
N ILE A 62 -3.73 -8.60 2.10
CA ILE A 62 -3.94 -7.52 3.07
C ILE A 62 -3.27 -8.03 4.37
N LEU A 63 -2.46 -7.19 5.02
CA LEU A 63 -1.78 -7.61 6.23
C LEU A 63 -2.77 -8.21 7.23
N GLY A 64 -2.43 -9.39 7.73
CA GLY A 64 -3.24 -10.15 8.68
C GLY A 64 -3.25 -9.53 10.06
N PHE A 65 -4.38 -8.96 10.45
CA PHE A 65 -4.54 -8.33 11.76
C PHE A 65 -4.80 -9.36 12.85
N ILE A 66 -4.10 -9.24 14.00
CA ILE A 66 -4.35 -10.16 15.11
C ILE A 66 -5.25 -9.49 16.16
N ALA A 67 -4.80 -8.34 16.71
CA ALA A 67 -5.54 -7.71 17.77
C ALA A 67 -5.07 -6.31 18.08
N ALA A 68 -5.96 -5.54 18.71
CA ALA A 68 -5.67 -4.27 19.34
C ALA A 68 -5.69 -4.58 20.87
N ASP A 69 -4.81 -3.95 21.63
CA ASP A 69 -4.78 -4.20 23.09
C ASP A 69 -4.09 -3.04 23.80
N ASN A 70 -4.10 -3.08 25.13
CA ASN A 70 -3.38 -2.09 25.94
C ASN A 70 -2.41 -2.88 26.81
N LYS A 71 -1.29 -2.26 27.20
CA LYS A 71 -0.34 -2.87 28.15
C LYS A 71 0.18 -1.80 29.11
N ASP A 72 -0.05 -1.99 30.40
CA ASP A 72 0.44 -1.06 31.44
C ASP A 72 1.72 -1.66 32.00
N ASN A 73 2.85 -0.96 31.82
CA ASN A 73 4.11 -1.50 32.33
C ASN A 73 4.35 -1.17 33.81
N GLY A 74 3.43 -0.43 34.42
CA GLY A 74 3.55 0.02 35.81
C GLY A 74 3.82 1.50 35.92
N THR A 75 4.29 2.13 34.82
CA THR A 75 4.54 3.58 34.77
C THR A 75 3.58 4.24 33.77
N TRP A 76 3.50 3.71 32.53
CA TRP A 76 2.60 4.26 31.51
C TRP A 76 1.84 3.17 30.79
N THR A 77 0.75 3.57 30.09
CA THR A 77 -0.03 2.64 29.28
C THR A 77 0.41 2.73 27.83
N GLN A 78 0.57 1.57 27.18
CA GLN A 78 0.93 1.47 25.78
C GLN A 78 -0.31 0.97 25.07
N LEU A 79 -0.52 1.45 23.86
CA LEU A 79 -1.62 1.03 23.02
C LEU A 79 -0.99 0.23 21.91
N TRP A 80 -1.37 -1.05 21.84
CA TRP A 80 -0.79 -2.00 20.91
C TRP A 80 -1.68 -2.38 19.75
N LEU A 81 -1.05 -2.63 18.59
CA LEU A 81 -1.68 -3.28 17.43
C LEU A 81 -0.76 -4.45 17.11
N VAL A 82 -1.31 -5.64 16.86
CA VAL A 82 -0.51 -6.84 16.59
C VAL A 82 -0.94 -7.43 15.26
N SER A 83 0.04 -7.85 14.45
CA SER A 83 -0.25 -8.44 13.13
C SER A 83 0.68 -9.61 12.86
N ASP A 84 0.46 -10.30 11.72
CA ASP A 84 1.40 -11.30 11.24
C ASP A 84 2.73 -10.58 11.02
N TYR A 85 3.84 -11.31 11.14
CA TYR A 85 5.17 -10.76 10.89
C TYR A 85 5.67 -11.30 9.54
N HIS A 86 6.22 -10.41 8.72
CA HIS A 86 6.79 -10.78 7.43
C HIS A 86 8.26 -10.46 7.42
N GLU A 87 9.10 -11.52 7.46
CA GLU A 87 10.57 -11.39 7.54
C GLU A 87 11.19 -10.47 6.47
N HIS A 88 10.69 -10.51 5.23
CA HIS A 88 11.23 -9.65 4.15
C HIS A 88 10.95 -8.14 4.39
N GLY A 89 9.96 -7.84 5.22
CA GLY A 89 9.59 -6.45 5.45
C GLY A 89 8.96 -5.86 4.20
N SER A 90 9.21 -4.55 3.95
CA SER A 90 8.57 -3.86 2.86
C SER A 90 9.03 -4.23 1.45
N LEU A 91 8.16 -3.94 0.50
CA LEU A 91 8.50 -4.10 -0.91
C LEU A 91 9.67 -3.14 -1.23
N PHE A 92 9.69 -1.95 -0.58
CA PHE A 92 10.80 -0.98 -0.75
C PHE A 92 12.12 -1.72 -0.36
N ASP A 93 12.15 -2.34 0.83
CA ASP A 93 13.33 -3.08 1.29
C ASP A 93 13.69 -4.24 0.36
N TYR A 94 12.69 -5.02 -0.04
CA TYR A 94 12.86 -6.17 -0.92
C TYR A 94 13.47 -5.77 -2.28
N LEU A 95 12.95 -4.69 -2.88
CA LEU A 95 13.42 -4.19 -4.19
C LEU A 95 14.82 -3.58 -4.08
N ASN A 96 15.17 -3.04 -2.90
CA ASN A 96 16.52 -2.50 -2.73
C ASN A 96 17.54 -3.65 -2.64
N ARG A 97 17.20 -4.70 -1.91
CA ARG A 97 18.06 -5.86 -1.69
C ARG A 97 18.19 -6.79 -2.91
N TYR A 98 17.10 -7.03 -3.62
CA TYR A 98 17.06 -8.01 -4.71
C TYR A 98 16.60 -7.49 -6.05
N THR A 99 16.88 -8.28 -7.09
CA THR A 99 16.33 -8.14 -8.44
C THR A 99 15.35 -9.32 -8.48
N VAL A 100 14.39 -9.26 -9.38
CA VAL A 100 13.39 -10.31 -9.49
C VAL A 100 13.39 -10.88 -10.92
N THR A 101 12.84 -12.09 -11.09
CA THR A 101 12.68 -12.71 -12.39
C THR A 101 11.38 -12.13 -12.97
N VAL A 102 11.02 -12.46 -14.24
CA VAL A 102 9.75 -12.06 -14.87
C VAL A 102 8.60 -12.64 -14.03
N GLU A 103 8.76 -13.91 -13.60
CA GLU A 103 7.80 -14.61 -12.76
C GLU A 103 7.64 -13.83 -11.43
N GLY A 104 8.76 -13.50 -10.79
CA GLY A 104 8.81 -12.75 -9.55
C GLY A 104 8.09 -11.42 -9.62
N MET A 105 8.32 -10.67 -10.72
CA MET A 105 7.67 -9.37 -10.94
C MET A 105 6.16 -9.52 -11.05
N ILE A 106 5.67 -10.50 -11.84
CA ILE A 106 4.23 -10.71 -12.01
C ILE A 106 3.60 -11.10 -10.68
N LYS A 107 4.27 -11.96 -9.89
CA LYS A 107 3.73 -12.35 -8.56
C LYS A 107 3.52 -11.14 -7.69
N LEU A 108 4.54 -10.25 -7.61
CA LEU A 108 4.48 -9.01 -6.83
C LEU A 108 3.40 -8.04 -7.32
N ALA A 109 3.31 -7.81 -8.64
CA ALA A 109 2.30 -6.91 -9.22
C ALA A 109 0.88 -7.44 -9.08
N LEU A 110 0.66 -8.75 -9.38
CA LEU A 110 -0.66 -9.36 -9.27
C LEU A 110 -1.16 -9.36 -7.84
N SER A 111 -0.29 -9.72 -6.89
CA SER A 111 -0.70 -9.79 -5.50
C SER A 111 -1.06 -8.40 -4.98
N THR A 112 -0.28 -7.36 -5.38
CA THR A 112 -0.56 -5.97 -4.98
C THR A 112 -1.94 -5.56 -5.55
N ALA A 113 -2.18 -5.81 -6.85
CA ALA A 113 -3.45 -5.43 -7.46
C ALA A 113 -4.64 -6.20 -6.86
N SER A 114 -4.43 -7.48 -6.49
CA SER A 114 -5.47 -8.31 -5.89
C SER A 114 -5.84 -7.75 -4.49
N GLY A 115 -4.84 -7.35 -3.71
CA GLY A 115 -5.08 -6.75 -2.40
C GLY A 115 -5.83 -5.43 -2.53
N LEU A 116 -5.43 -4.59 -3.50
CA LEU A 116 -6.12 -3.30 -3.68
C LEU A 116 -7.54 -3.50 -4.20
N ALA A 117 -7.75 -4.49 -5.08
CA ALA A 117 -9.09 -4.76 -5.62
C ALA A 117 -9.99 -5.17 -4.45
N HIS A 118 -9.47 -5.99 -3.52
CA HIS A 118 -10.25 -6.42 -2.35
C HIS A 118 -10.58 -5.23 -1.45
N LEU A 119 -9.58 -4.38 -1.16
CA LEU A 119 -9.83 -3.16 -0.37
C LEU A 119 -10.93 -2.32 -1.03
N HIS A 120 -10.79 -2.06 -2.34
CA HIS A 120 -11.71 -1.20 -3.09
C HIS A 120 -13.14 -1.76 -3.28
N MET A 121 -13.28 -3.07 -3.27
CA MET A 121 -14.56 -3.73 -3.54
C MET A 121 -15.60 -3.61 -2.41
N GLU A 122 -16.83 -3.25 -2.78
CA GLU A 122 -17.93 -3.25 -1.82
C GLU A 122 -18.55 -4.66 -1.89
N ILE A 123 -18.89 -5.25 -0.74
CA ILE A 123 -19.54 -6.56 -0.70
C ILE A 123 -20.90 -6.36 -0.03
N VAL A 124 -21.98 -6.70 -0.73
CA VAL A 124 -23.35 -6.60 -0.20
C VAL A 124 -23.65 -7.76 0.75
N GLY A 125 -24.71 -7.60 1.55
CA GLY A 125 -25.16 -8.68 2.44
C GLY A 125 -25.14 -8.34 3.90
N THR A 126 -25.66 -9.27 4.75
CA THR A 126 -25.70 -9.09 6.22
C THR A 126 -24.29 -8.82 6.75
N GLN A 127 -23.32 -9.60 6.26
CA GLN A 127 -21.90 -9.45 6.62
C GLN A 127 -21.20 -8.77 5.42
N GLY A 128 -21.71 -7.61 5.04
CA GLY A 128 -21.19 -6.86 3.92
C GLY A 128 -19.91 -6.15 4.25
N LYS A 129 -19.11 -5.80 3.23
CA LYS A 129 -17.84 -5.11 3.43
C LYS A 129 -17.96 -3.76 2.72
N PRO A 130 -17.66 -2.63 3.39
CA PRO A 130 -17.70 -1.35 2.68
C PRO A 130 -16.45 -1.23 1.77
N ALA A 131 -16.55 -0.45 0.71
CA ALA A 131 -15.40 -0.15 -0.14
C ALA A 131 -14.45 0.73 0.72
N ILE A 132 -13.15 0.49 0.59
CA ILE A 132 -12.11 1.20 1.37
C ILE A 132 -11.06 1.74 0.41
N ALA A 133 -10.66 3.01 0.59
CA ALA A 133 -9.58 3.62 -0.20
C ALA A 133 -8.40 3.79 0.76
N HIS A 134 -7.20 3.51 0.31
CA HIS A 134 -5.99 3.50 1.14
C HIS A 134 -5.48 4.89 1.55
N ARG A 135 -5.25 5.76 0.53
CA ARG A 135 -4.78 7.14 0.64
C ARG A 135 -3.29 7.28 0.89
N ASP A 136 -2.54 6.18 1.06
CA ASP A 136 -1.09 6.31 1.25
C ASP A 136 -0.33 5.10 0.70
N LEU A 137 -0.76 4.63 -0.48
CA LEU A 137 -0.13 3.46 -1.07
C LEU A 137 1.25 3.84 -1.60
N LYS A 138 2.26 3.04 -1.24
CA LYS A 138 3.65 3.20 -1.65
C LYS A 138 4.40 1.90 -1.38
N SER A 139 5.59 1.75 -1.95
CA SER A 139 6.35 0.52 -1.74
C SER A 139 6.78 0.32 -0.28
N LYS A 140 6.91 1.41 0.52
CA LYS A 140 7.26 1.24 1.95
C LYS A 140 6.08 0.71 2.76
N ASN A 141 4.84 0.82 2.20
CA ASN A 141 3.58 0.39 2.86
C ASN A 141 3.03 -0.96 2.34
N ILE A 142 3.82 -1.71 1.59
CA ILE A 142 3.41 -3.01 1.07
C ILE A 142 4.49 -3.98 1.60
N LEU A 143 4.06 -5.12 2.14
CA LEU A 143 5.00 -6.10 2.71
C LEU A 143 5.14 -7.30 1.78
N VAL A 144 6.30 -7.97 1.81
CA VAL A 144 6.56 -9.14 0.96
C VAL A 144 6.59 -10.38 1.86
N LYS A 145 5.77 -11.37 1.52
CA LYS A 145 5.64 -12.62 2.25
C LYS A 145 6.71 -13.63 1.81
N LYS A 146 6.91 -14.70 2.62
CA LYS A 146 7.89 -15.74 2.28
C LYS A 146 7.68 -16.33 0.88
N ASN A 147 6.40 -16.50 0.43
CA ASN A 147 6.08 -17.09 -0.88
C ASN A 147 6.28 -16.14 -2.08
N GLY A 148 6.82 -14.94 -1.84
CA GLY A 148 7.07 -13.98 -2.91
C GLY A 148 5.87 -13.17 -3.38
N THR A 149 4.80 -13.13 -2.58
CA THR A 149 3.61 -12.33 -2.89
C THR A 149 3.55 -11.19 -1.87
N CYS A 150 2.77 -10.16 -2.17
CA CYS A 150 2.62 -8.94 -1.37
C CYS A 150 1.39 -8.94 -0.54
N CYS A 151 1.42 -8.11 0.51
CA CYS A 151 0.22 -7.77 1.24
C CYS A 151 0.27 -6.30 1.62
N ILE A 152 -0.87 -5.64 1.46
CA ILE A 152 -0.99 -4.22 1.68
C ILE A 152 -1.06 -3.95 3.17
N ALA A 153 -0.27 -2.98 3.63
CA ALA A 153 -0.22 -2.61 5.04
C ALA A 153 -0.43 -1.10 5.18
N ASP A 154 -0.14 -0.55 6.37
CA ASP A 154 -0.31 0.87 6.69
C ASP A 154 -1.71 1.39 6.34
N LEU A 155 -2.73 0.77 6.93
CA LEU A 155 -4.12 1.13 6.65
C LEU A 155 -4.69 2.25 7.52
N GLY A 156 -3.85 2.89 8.33
CA GLY A 156 -4.30 3.92 9.28
C GLY A 156 -4.95 5.16 8.68
N LEU A 157 -4.63 5.51 7.40
CA LEU A 157 -5.18 6.70 6.77
C LEU A 157 -6.35 6.38 5.84
N ALA A 158 -6.82 5.12 5.86
CA ALA A 158 -7.88 4.67 4.96
C ALA A 158 -9.22 5.37 5.24
N VAL A 159 -10.07 5.42 4.21
CA VAL A 159 -11.43 5.97 4.31
C VAL A 159 -12.40 4.89 3.83
N ARG A 160 -13.55 4.75 4.50
CA ARG A 160 -14.52 3.73 4.14
C ARG A 160 -15.79 4.37 3.62
N HIS A 161 -16.43 3.73 2.65
CA HIS A 161 -17.63 4.26 1.99
C HIS A 161 -18.89 3.48 2.35
N ASP A 162 -20.03 4.20 2.48
CA ASP A 162 -21.39 3.69 2.70
C ASP A 162 -22.13 4.00 1.38
N SER A 163 -22.33 2.98 0.51
CA SER A 163 -22.89 3.11 -0.84
C SER A 163 -24.31 3.65 -0.92
N ALA A 164 -25.17 3.30 0.05
CA ALA A 164 -26.58 3.72 0.08
C ALA A 164 -26.73 5.24 0.18
N THR A 165 -26.02 5.86 1.13
CA THR A 165 -26.04 7.32 1.37
C THR A 165 -24.94 8.08 0.62
N ASP A 166 -23.99 7.35 -0.02
CA ASP A 166 -22.82 7.90 -0.72
C ASP A 166 -22.02 8.81 0.22
N THR A 167 -21.81 8.34 1.47
CA THR A 167 -21.06 9.09 2.49
C THR A 167 -19.77 8.36 2.86
N ILE A 168 -18.76 9.12 3.27
CA ILE A 168 -17.47 8.58 3.69
C ILE A 168 -17.47 8.64 5.23
N ASP A 169 -16.96 7.59 5.91
CA ASP A 169 -17.05 7.47 7.37
C ASP A 169 -16.34 8.58 8.18
N ILE A 170 -15.38 9.29 7.60
CA ILE A 170 -14.69 10.38 8.30
C ILE A 170 -14.74 11.65 7.44
N ALA A 171 -14.38 12.82 8.03
CA ALA A 171 -14.34 14.10 7.32
C ALA A 171 -12.90 14.17 6.78
N PRO A 172 -12.64 13.82 5.50
CA PRO A 172 -11.25 13.75 5.03
C PRO A 172 -10.55 15.08 4.91
N ASN A 173 -9.30 15.13 5.41
CA ASN A 173 -8.40 16.28 5.31
C ASN A 173 -7.69 16.18 3.96
N HIS A 174 -7.23 17.29 3.44
CA HIS A 174 -6.54 17.27 2.16
C HIS A 174 -5.10 16.85 2.33
N ARG A 175 -4.53 16.19 1.29
CA ARG A 175 -3.13 15.82 1.16
C ARG A 175 -2.51 15.11 2.40
N VAL A 176 -3.12 13.98 2.83
CA VAL A 176 -2.67 13.21 4.00
C VAL A 176 -1.51 12.22 3.78
N GLY A 177 -1.32 11.77 2.55
CA GLY A 177 -0.36 10.73 2.25
C GLY A 177 1.07 11.19 2.03
N THR A 178 1.83 10.37 1.35
CA THR A 178 3.23 10.65 1.03
C THR A 178 3.24 11.53 -0.24
N LYS A 179 3.88 12.70 -0.17
CA LYS A 179 3.89 13.68 -1.26
C LYS A 179 4.35 13.11 -2.61
N ARG A 180 5.41 12.30 -2.60
CA ARG A 180 5.97 11.72 -3.83
C ARG A 180 4.94 10.89 -4.61
N TYR A 181 4.00 10.22 -3.90
CA TYR A 181 3.01 9.33 -4.53
C TYR A 181 1.61 9.97 -4.71
N MET A 182 1.48 11.26 -4.37
CA MET A 182 0.18 11.94 -4.50
C MET A 182 -0.23 12.09 -5.94
N ALA A 183 -1.50 11.77 -6.22
CA ALA A 183 -2.02 11.85 -7.57
C ALA A 183 -2.09 13.32 -8.02
N PRO A 184 -2.07 13.59 -9.36
CA PRO A 184 -2.14 14.99 -9.83
C PRO A 184 -3.28 15.80 -9.19
N GLU A 185 -4.48 15.20 -9.12
CA GLU A 185 -5.67 15.87 -8.56
C GLU A 185 -5.52 16.17 -7.04
N VAL A 186 -4.70 15.37 -6.34
CA VAL A 186 -4.42 15.58 -4.93
C VAL A 186 -3.42 16.75 -4.81
N LEU A 187 -2.36 16.74 -5.62
CA LEU A 187 -1.34 17.79 -5.62
C LEU A 187 -1.89 19.18 -5.91
N ASP A 188 -2.79 19.29 -6.90
CA ASP A 188 -3.34 20.61 -7.24
C ASP A 188 -4.66 20.91 -6.52
N ASP A 189 -5.06 20.02 -5.58
CA ASP A 189 -6.30 20.14 -4.78
C ASP A 189 -7.60 20.27 -5.61
N SER A 190 -7.61 19.73 -6.83
CA SER A 190 -8.83 19.73 -7.65
C SER A 190 -9.71 18.52 -7.33
N ILE A 191 -9.19 17.56 -6.52
CA ILE A 191 -9.92 16.34 -6.18
C ILE A 191 -11.25 16.67 -5.49
N ASN A 192 -12.32 16.03 -5.91
CA ASN A 192 -13.61 16.22 -5.26
C ASN A 192 -13.71 15.13 -4.18
N MET A 193 -13.37 15.51 -2.95
CA MET A 193 -13.30 14.62 -1.79
C MET A 193 -14.67 14.16 -1.27
N LYS A 194 -15.75 14.67 -1.88
CA LYS A 194 -17.14 14.29 -1.58
C LYS A 194 -17.54 13.07 -2.41
N HIS A 195 -16.72 12.71 -3.41
CA HIS A 195 -16.98 11.56 -4.27
C HIS A 195 -15.96 10.47 -3.89
N PHE A 196 -16.43 9.36 -3.30
CA PHE A 196 -15.55 8.27 -2.88
C PHE A 196 -14.66 7.71 -4.00
N GLU A 197 -15.22 7.57 -5.22
CA GLU A 197 -14.51 7.09 -6.41
C GLU A 197 -13.18 7.85 -6.64
N SER A 198 -13.14 9.15 -6.25
CA SER A 198 -11.94 9.99 -6.39
C SER A 198 -10.75 9.40 -5.59
N PHE A 199 -11.02 8.90 -4.38
CA PHE A 199 -9.97 8.27 -3.56
C PHE A 199 -9.47 6.96 -4.18
N LYS A 200 -10.38 6.12 -4.74
CA LYS A 200 -9.97 4.86 -5.38
C LYS A 200 -9.06 5.17 -6.57
N ARG A 201 -9.42 6.20 -7.35
CA ARG A 201 -8.64 6.58 -8.54
C ARG A 201 -7.26 7.11 -8.16
N ALA A 202 -7.16 7.84 -7.05
CA ALA A 202 -5.86 8.35 -6.59
C ALA A 202 -4.98 7.17 -6.13
N ASP A 203 -5.58 6.12 -5.52
CA ASP A 203 -4.83 4.90 -5.15
C ASP A 203 -4.24 4.22 -6.41
N ILE A 204 -5.00 4.18 -7.53
CA ILE A 204 -4.50 3.51 -8.75
C ILE A 204 -3.27 4.23 -9.32
N TYR A 205 -3.27 5.57 -9.28
CA TYR A 205 -2.12 6.37 -9.72
C TYR A 205 -0.89 5.90 -8.92
N ALA A 206 -1.03 5.81 -7.57
CA ALA A 206 0.08 5.39 -6.70
C ALA A 206 0.50 3.97 -6.98
N MET A 207 -0.46 3.07 -7.25
CA MET A 207 -0.10 1.69 -7.61
C MET A 207 0.72 1.61 -8.91
N GLY A 208 0.42 2.47 -9.89
CA GLY A 208 1.19 2.57 -11.13
C GLY A 208 2.64 2.90 -10.82
N LEU A 209 2.86 3.83 -9.87
CA LEU A 209 4.24 4.20 -9.46
C LEU A 209 4.96 3.01 -8.83
N VAL A 210 4.27 2.24 -7.98
CA VAL A 210 4.84 1.05 -7.35
C VAL A 210 5.19 -0.01 -8.45
N PHE A 211 4.32 -0.19 -9.47
CA PHE A 211 4.61 -1.14 -10.58
C PHE A 211 5.89 -0.73 -11.34
N TRP A 212 6.12 0.57 -11.49
CA TRP A 212 7.34 1.09 -12.12
C TRP A 212 8.57 0.71 -11.28
N GLU A 213 8.46 0.84 -9.96
CA GLU A 213 9.55 0.47 -9.04
C GLU A 213 9.91 -1.01 -9.19
N ILE A 214 8.88 -1.89 -9.33
CA ILE A 214 9.09 -3.34 -9.45
C ILE A 214 9.74 -3.66 -10.79
N ALA A 215 9.15 -3.16 -11.89
CA ALA A 215 9.63 -3.40 -13.26
C ALA A 215 11.11 -3.07 -13.44
N ARG A 216 11.61 -2.01 -12.79
CA ARG A 216 13.03 -1.64 -12.84
C ARG A 216 13.93 -2.77 -12.34
N ARG A 217 13.42 -3.56 -11.39
CA ARG A 217 14.15 -4.64 -10.74
C ARG A 217 14.01 -5.99 -11.40
N CYS A 218 13.24 -6.06 -12.49
CA CYS A 218 13.04 -7.29 -13.22
C CYS A 218 14.28 -7.53 -14.10
N SER A 219 15.02 -8.61 -13.82
CA SER A 219 16.25 -8.94 -14.53
C SER A 219 16.03 -10.01 -15.60
N ILE A 220 16.26 -9.66 -16.88
CA ILE A 220 16.15 -10.57 -18.04
C ILE A 220 17.51 -10.55 -18.74
N GLY A 221 18.16 -11.71 -18.82
CA GLY A 221 19.49 -11.84 -19.42
C GLY A 221 20.53 -11.04 -18.66
N GLY A 222 20.34 -10.94 -17.35
CA GLY A 222 21.21 -10.20 -16.43
C GLY A 222 21.10 -8.68 -16.52
N ILE A 223 20.11 -8.18 -17.29
CA ILE A 223 19.89 -6.74 -17.51
C ILE A 223 18.70 -6.27 -16.67
N HIS A 224 18.91 -5.18 -15.92
CA HIS A 224 17.90 -4.55 -15.06
C HIS A 224 18.37 -3.12 -14.75
N GLU A 225 17.51 -2.31 -14.10
CA GLU A 225 17.88 -0.94 -13.69
C GLU A 225 18.18 -0.97 -12.20
N ASP A 226 18.86 0.04 -11.67
CA ASP A 226 19.09 0.07 -10.22
C ASP A 226 17.80 0.52 -9.49
N TYR A 227 17.74 0.31 -8.17
CA TYR A 227 16.53 0.69 -7.44
C TYR A 227 16.40 2.22 -7.35
N GLN A 228 15.21 2.76 -7.67
CA GLN A 228 14.94 4.17 -7.46
C GLN A 228 13.49 4.35 -7.05
N LEU A 229 13.24 5.41 -6.27
CA LEU A 229 11.89 5.83 -5.95
C LEU A 229 11.36 6.54 -7.18
N PRO A 230 10.03 6.55 -7.42
CA PRO A 230 9.52 7.32 -8.58
C PRO A 230 9.86 8.80 -8.45
N TYR A 231 10.20 9.46 -9.59
CA TYR A 231 10.57 10.90 -9.61
C TYR A 231 11.97 11.19 -8.97
N TYR A 232 12.81 10.17 -8.78
CA TYR A 232 14.17 10.33 -8.21
C TYR A 232 15.00 11.30 -9.05
N ASP A 233 14.68 11.37 -10.36
CA ASP A 233 15.32 12.17 -11.42
C ASP A 233 14.82 13.60 -11.52
N LEU A 234 13.80 13.97 -10.73
CA LEU A 234 13.12 15.25 -10.88
C LEU A 234 12.84 16.04 -9.60
N VAL A 235 12.89 15.39 -8.43
CA VAL A 235 12.56 16.07 -7.19
C VAL A 235 13.61 15.72 -6.13
N PRO A 236 13.79 16.57 -5.09
CA PRO A 236 14.75 16.23 -4.02
C PRO A 236 14.20 15.13 -3.13
N SER A 237 15.03 14.61 -2.20
CA SER A 237 14.54 13.65 -1.21
C SER A 237 13.58 14.47 -0.34
N ASP A 238 12.53 13.85 0.22
CA ASP A 238 11.50 14.54 1.01
C ASP A 238 10.87 15.74 0.24
N PRO A 239 10.30 15.53 -0.98
CA PRO A 239 9.77 16.68 -1.73
C PRO A 239 8.54 17.31 -1.10
N SER A 240 8.33 18.62 -1.35
CA SER A 240 7.17 19.34 -0.84
C SER A 240 6.03 19.14 -1.84
N VAL A 241 4.80 19.51 -1.47
CA VAL A 241 3.64 19.47 -2.38
C VAL A 241 3.94 20.35 -3.61
N GLU A 242 4.49 21.56 -3.38
CA GLU A 242 4.83 22.47 -4.47
C GLU A 242 5.80 21.84 -5.48
N GLU A 243 6.90 21.20 -5.00
CA GLU A 243 7.91 20.56 -5.88
C GLU A 243 7.27 19.47 -6.74
N MET A 244 6.44 18.65 -6.10
CA MET A 244 5.75 17.58 -6.82
C MET A 244 4.76 18.15 -7.82
N ARG A 245 3.95 19.15 -7.40
CA ARG A 245 2.93 19.74 -8.26
C ARG A 245 3.56 20.33 -9.54
N LYS A 246 4.71 21.02 -9.43
CA LYS A 246 5.39 21.60 -10.61
C LYS A 246 5.76 20.52 -11.63
N VAL A 247 6.21 19.36 -11.13
CA VAL A 247 6.64 18.26 -11.99
C VAL A 247 5.43 17.51 -12.58
N VAL A 248 4.53 17.03 -11.71
CA VAL A 248 3.42 16.15 -12.07
C VAL A 248 2.28 16.91 -12.75
N CYS A 249 1.90 18.08 -12.23
CA CYS A 249 0.77 18.84 -12.78
C CYS A 249 1.14 19.86 -13.82
N GLU A 250 2.21 20.65 -13.59
CA GLU A 250 2.53 21.70 -14.55
C GLU A 250 3.37 21.17 -15.73
N GLN A 251 4.48 20.49 -15.45
CA GLN A 251 5.34 19.98 -16.52
C GLN A 251 4.77 18.69 -17.10
N LYS A 252 3.85 18.04 -16.34
CA LYS A 252 3.10 16.85 -16.76
C LYS A 252 4.01 15.64 -17.04
N LEU A 253 5.06 15.49 -16.21
CA LEU A 253 5.99 14.39 -16.32
C LEU A 253 5.58 13.20 -15.46
N ARG A 254 6.01 12.03 -15.89
CA ARG A 254 5.79 10.77 -15.19
C ARG A 254 7.14 10.03 -15.16
N PRO A 255 7.29 8.95 -14.37
CA PRO A 255 8.55 8.19 -14.41
C PRO A 255 8.83 7.68 -15.83
N ASN A 256 10.11 7.69 -16.22
CA ASN A 256 10.52 7.26 -17.56
C ASN A 256 10.35 5.76 -17.73
N ILE A 257 9.78 5.35 -18.88
CA ILE A 257 9.60 3.96 -19.22
C ILE A 257 10.76 3.55 -20.19
N PRO A 258 11.74 2.77 -19.70
CA PRO A 258 12.89 2.39 -20.55
C PRO A 258 12.51 1.60 -21.81
N ASN A 259 13.33 1.79 -22.87
CA ASN A 259 13.17 1.11 -24.17
C ASN A 259 13.23 -0.41 -24.03
N ARG A 260 14.09 -0.93 -23.13
CA ARG A 260 14.22 -2.38 -22.93
C ARG A 260 12.92 -3.06 -22.43
N TRP A 261 11.94 -2.27 -21.94
CA TRP A 261 10.67 -2.83 -21.47
C TRP A 261 9.73 -3.21 -22.65
N GLN A 262 10.15 -2.91 -23.88
CA GLN A 262 9.36 -3.26 -25.06
C GLN A 262 9.86 -4.59 -25.68
N SER A 263 10.97 -5.14 -25.16
CA SER A 263 11.61 -6.37 -25.65
C SER A 263 11.02 -7.66 -25.08
N CYS A 264 10.16 -7.54 -24.07
CA CYS A 264 9.56 -8.66 -23.35
C CYS A 264 8.06 -8.41 -23.13
N GLU A 265 7.21 -9.42 -23.41
CA GLU A 265 5.75 -9.31 -23.29
C GLU A 265 5.27 -8.90 -21.89
N ALA A 266 5.81 -9.54 -20.81
CA ALA A 266 5.43 -9.20 -19.43
C ALA A 266 5.75 -7.73 -19.13
N LEU A 267 6.95 -7.25 -19.54
CA LEU A 267 7.33 -5.85 -19.38
C LEU A 267 6.47 -4.90 -20.25
N ARG A 268 6.01 -5.34 -21.45
CA ARG A 268 5.11 -4.53 -22.29
C ARG A 268 3.73 -4.39 -21.64
N VAL A 269 3.22 -5.48 -21.03
CA VAL A 269 1.93 -5.48 -20.33
C VAL A 269 2.02 -4.52 -19.10
N MET A 270 3.10 -4.64 -18.30
CA MET A 270 3.36 -3.81 -17.10
C MET A 270 3.44 -2.33 -17.49
N ALA A 271 4.22 -2.01 -18.55
CA ALA A 271 4.41 -0.64 -19.04
C ALA A 271 3.09 -0.04 -19.51
N LYS A 272 2.24 -0.82 -20.19
CA LYS A 272 0.92 -0.35 -20.62
C LYS A 272 0.04 -0.06 -19.38
N ILE A 273 0.07 -0.96 -18.36
CA ILE A 273 -0.70 -0.76 -17.11
C ILE A 273 -0.25 0.57 -16.47
N MET A 274 1.06 0.79 -16.36
CA MET A 274 1.58 2.05 -15.78
C MET A 274 1.00 3.28 -16.46
N ARG A 275 1.08 3.36 -17.81
CA ARG A 275 0.59 4.49 -18.57
C ARG A 275 -0.89 4.73 -18.28
N GLU A 276 -1.66 3.63 -18.13
CA GLU A 276 -3.08 3.67 -17.86
C GLU A 276 -3.46 3.92 -16.38
N CYS A 277 -2.45 4.00 -15.47
CA CYS A 277 -2.66 4.39 -14.05
C CYS A 277 -2.28 5.88 -13.93
N TRP A 278 -1.45 6.37 -14.88
CA TRP A 278 -0.83 7.69 -14.79
C TRP A 278 -1.56 8.81 -15.47
N TYR A 279 -2.73 8.52 -16.08
CA TYR A 279 -3.51 9.58 -16.70
C TYR A 279 -3.81 10.68 -15.70
N ALA A 280 -3.72 11.94 -16.14
CA ALA A 280 -4.02 13.07 -15.25
C ALA A 280 -5.48 12.99 -14.81
N ASN A 281 -6.37 12.50 -15.72
CA ASN A 281 -7.79 12.35 -15.43
C ASN A 281 -8.05 10.98 -14.78
N GLY A 282 -8.35 11.02 -13.49
CA GLY A 282 -8.62 9.84 -12.67
C GLY A 282 -9.67 8.90 -13.24
N ALA A 283 -10.73 9.47 -13.86
CA ALA A 283 -11.81 8.70 -14.47
C ALA A 283 -11.36 7.83 -15.64
N ALA A 284 -10.21 8.17 -16.27
CA ALA A 284 -9.64 7.42 -17.40
C ALA A 284 -8.77 6.24 -16.95
N ARG A 285 -8.31 6.24 -15.69
CA ARG A 285 -7.45 5.17 -15.17
C ARG A 285 -8.14 3.81 -15.11
N LEU A 286 -7.34 2.74 -15.20
CA LEU A 286 -7.81 1.36 -15.02
C LEU A 286 -8.29 1.19 -13.57
N THR A 287 -9.19 0.21 -13.30
CA THR A 287 -9.61 -0.12 -11.93
C THR A 287 -8.65 -1.20 -11.43
N ALA A 288 -8.59 -1.43 -10.11
CA ALA A 288 -7.72 -2.45 -9.57
C ALA A 288 -8.19 -3.84 -10.06
N LEU A 289 -9.51 -4.02 -10.20
CA LEU A 289 -10.10 -5.28 -10.67
C LEU A 289 -9.67 -5.59 -12.11
N ARG A 290 -9.66 -4.56 -12.97
CA ARG A 290 -9.21 -4.72 -14.36
C ARG A 290 -7.71 -5.10 -14.41
N ILE A 291 -6.87 -4.43 -13.59
CA ILE A 291 -5.44 -4.76 -13.50
C ILE A 291 -5.26 -6.20 -13.03
N LYS A 292 -5.98 -6.61 -11.97
CA LYS A 292 -5.93 -7.98 -11.46
C LYS A 292 -6.22 -8.97 -12.60
N LYS A 293 -7.30 -8.71 -13.38
CA LYS A 293 -7.71 -9.57 -14.49
C LYS A 293 -6.62 -9.67 -15.55
N THR A 294 -6.02 -8.53 -15.97
CA THR A 294 -4.92 -8.49 -16.94
C THR A 294 -3.72 -9.28 -16.46
N LEU A 295 -3.30 -9.05 -15.20
CA LEU A 295 -2.14 -9.75 -14.67
C LEU A 295 -2.37 -11.25 -14.43
N SER A 296 -3.61 -11.65 -14.08
CA SER A 296 -3.99 -13.06 -13.88
C SER A 296 -3.87 -13.80 -15.22
N GLN A 297 -4.38 -13.15 -16.32
CA GLN A 297 -4.27 -13.66 -17.70
C GLN A 297 -2.81 -13.82 -18.09
N LEU A 298 -1.94 -12.90 -17.63
CA LEU A 298 -0.50 -12.96 -17.89
C LEU A 298 0.19 -14.05 -17.07
N SER A 299 -0.16 -14.21 -15.78
CA SER A 299 0.43 -15.23 -14.90
C SER A 299 0.12 -16.64 -15.44
N GLN A 300 -1.14 -16.84 -15.91
CA GLN A 300 -1.62 -18.09 -16.52
C GLN A 300 -0.78 -18.43 -17.76
N GLN A 301 -0.48 -17.40 -18.59
CA GLN A 301 0.34 -17.51 -19.80
C GLN A 301 1.78 -17.95 -19.48
N GLU A 302 2.40 -17.31 -18.47
CA GLU A 302 3.79 -17.56 -18.05
C GLU A 302 3.98 -18.83 -17.18
N GLY A 303 2.87 -19.48 -16.81
CA GLY A 303 2.87 -20.70 -16.00
C GLY A 303 3.46 -20.55 -14.63
N ILE A 304 3.08 -19.46 -13.94
CA ILE A 304 3.56 -19.13 -12.59
C ILE A 304 2.92 -20.06 -11.57
#